data_5AOC
#
_entry.id   5AOC
#
_cell.length_a   61.991
_cell.length_b   70.874
_cell.length_c   75.932
_cell.angle_alpha   90.00
_cell.angle_beta   90.00
_cell.angle_gamma   90.00
#
_symmetry.space_group_name_H-M   'P 21 21 21'
#
loop_
_entity.id
_entity.type
_entity.pdbx_description
1 polymer ESTERASE
2 non-polymer 'PENTANOIC ACID'
3 non-polymer 'TETRAETHYLENE GLYCOL'
4 non-polymer 1,2-ETHANEDIOL
5 non-polymer DI(HYDROXYETHYL)ETHER
6 non-polymer 'CHLORIDE ION'
7 water water
#
_entity_poly.entity_id   1
_entity_poly.type   'polypeptide(L)'
_entity_poly.pdbx_seq_one_letter_code
;AEVGRLRYPPEMPGAEVKVYKKVDNVDLKLYIYKPADWKPADRRSAIVFFFGGGWQSGSPAQFRPQCEYFAGRGMVAMAA
DYRVGSRHNVKVADCVADAKSAIRWVRQHAAELGVDPQKIVASGGSAGGHLAACTVMVPDLEAPEEDHTISSQANAAILF
NPVLILSREGLKDHVPRQDWEERLRERLGTEPKAVSPYHHIRAGLPPMIIFHGTADNTVPFETIRLFAEAMKKAGNRCEL
VPFEGAAHGFFNFGRGDNLAYQKTLELADEFLVEIGFLAPKGESQP
;
_entity_poly.pdbx_strand_id   A
#
# COMPACT_ATOMS: atom_id res chain seq x y z
N ALA A 1 5.45 3.61 -18.61
CA ALA A 1 6.82 3.89 -19.11
C ALA A 1 7.57 4.90 -18.22
N GLU A 2 6.89 5.99 -17.84
CA GLU A 2 7.49 7.07 -17.02
C GLU A 2 7.79 6.65 -15.57
N VAL A 3 6.87 5.87 -14.98
CA VAL A 3 7.13 5.15 -13.72
C VAL A 3 8.36 4.25 -13.83
N GLY A 4 8.49 3.53 -14.94
CA GLY A 4 9.67 2.70 -15.22
C GLY A 4 11.01 3.45 -15.23
N ARG A 5 11.02 4.74 -15.54
CA ARG A 5 12.26 5.54 -15.62
C ARG A 5 12.68 6.23 -14.32
N LEU A 6 11.92 6.04 -13.23
CA LEU A 6 12.19 6.69 -11.93
C LEU A 6 13.49 6.25 -11.26
N ARG A 7 14.11 7.19 -10.54
CA ARG A 7 15.41 6.93 -9.96
C ARG A 7 15.32 6.12 -8.66
N TYR A 8 16.27 5.21 -8.50
CA TYR A 8 16.55 4.56 -7.23
C TYR A 8 18.05 4.59 -6.91
N PRO A 9 18.43 5.10 -5.75
CA PRO A 9 17.48 5.68 -4.77
C PRO A 9 16.96 7.06 -5.18
N PRO A 10 15.73 7.42 -4.76
CA PRO A 10 15.13 8.69 -5.18
C PRO A 10 15.69 9.88 -4.42
N GLU A 11 15.54 11.11 -4.93
CA GLU A 11 16.00 12.31 -4.17
CA GLU A 11 16.01 12.30 -4.16
C GLU A 11 15.00 12.67 -3.08
N MET A 12 13.71 12.64 -3.47
CA MET A 12 12.60 12.96 -2.58
C MET A 12 12.84 14.34 -1.97
N PRO A 13 12.86 15.39 -2.82
CA PRO A 13 13.15 16.71 -2.32
C PRO A 13 12.14 17.10 -1.25
N GLY A 14 12.65 17.64 -0.16
CA GLY A 14 11.82 18.07 0.94
C GLY A 14 11.41 16.99 1.93
N ALA A 15 11.74 15.72 1.70
CA ALA A 15 11.36 14.66 2.64
C ALA A 15 12.39 14.59 3.75
N GLU A 16 11.95 14.28 4.95
CA GLU A 16 12.83 13.77 6.00
C GLU A 16 12.99 12.27 5.84
N VAL A 17 14.20 11.77 6.08
CA VAL A 17 14.53 10.38 5.87
C VAL A 17 14.70 9.68 7.23
N LYS A 18 14.01 8.56 7.39
CA LYS A 18 14.10 7.72 8.56
C LYS A 18 14.28 6.30 8.15
N VAL A 19 15.23 5.61 8.79
CA VAL A 19 15.42 4.17 8.60
C VAL A 19 14.44 3.45 9.51
N TYR A 20 13.50 2.73 8.90
CA TYR A 20 12.50 1.97 9.64
C TYR A 20 12.89 0.52 9.87
N LYS A 21 13.82 0.00 9.08
CA LYS A 21 14.17 -1.38 9.18
C LYS A 21 15.57 -1.59 8.65
N LYS A 22 16.33 -2.37 9.40
CA LYS A 22 17.66 -2.85 8.99
C LYS A 22 17.57 -4.34 8.82
N VAL A 23 17.91 -4.81 7.63
CA VAL A 23 17.77 -6.21 7.28
C VAL A 23 18.67 -6.53 6.10
N ASP A 24 19.24 -7.74 6.04
CA ASP A 24 20.15 -8.13 4.93
C ASP A 24 21.25 -7.07 4.64
N ASN A 25 21.73 -6.38 5.67
CA ASN A 25 22.66 -5.26 5.50
C ASN A 25 22.15 -4.05 4.65
N VAL A 26 20.84 -3.89 4.52
CA VAL A 26 20.28 -2.71 3.84
C VAL A 26 19.44 -1.91 4.84
N ASP A 27 19.53 -0.59 4.78
CA ASP A 27 18.68 0.31 5.55
C ASP A 27 17.45 0.60 4.68
N LEU A 28 16.28 0.21 5.16
CA LEU A 28 15.06 0.53 4.44
C LEU A 28 14.53 1.84 5.01
N LYS A 29 14.30 2.81 4.14
CA LYS A 29 13.95 4.16 4.55
CA LYS A 29 13.94 4.15 4.57
C LYS A 29 12.48 4.52 4.32
N LEU A 30 11.96 5.41 5.18
CA LEU A 30 10.74 6.17 4.95
C LEU A 30 11.07 7.61 4.56
N TYR A 31 10.40 8.13 3.54
CA TYR A 31 10.58 9.51 3.10
C TYR A 31 9.36 10.28 3.59
N ILE A 32 9.55 11.17 4.56
CA ILE A 32 8.40 11.66 5.39
C ILE A 32 8.12 13.10 5.01
N TYR A 33 6.90 13.39 4.59
CA TYR A 33 6.45 14.74 4.29
C TYR A 33 5.50 15.21 5.38
N LYS A 34 5.84 16.30 6.05
CA LYS A 34 4.99 16.90 7.05
C LYS A 34 4.30 18.15 6.54
N PRO A 35 3.08 18.44 7.05
CA PRO A 35 2.43 19.73 6.80
C PRO A 35 3.23 20.90 7.33
N ALA A 36 3.06 22.08 6.74
CA ALA A 36 3.80 23.29 7.14
C ALA A 36 3.59 23.73 8.60
N ASP A 37 2.42 23.42 9.15
CA ASP A 37 2.13 23.70 10.56
C ASP A 37 2.37 22.51 11.51
N TRP A 38 3.11 21.50 11.07
CA TRP A 38 3.39 20.34 11.92
C TRP A 38 4.09 20.79 13.21
N LYS A 39 3.64 20.25 14.32
CA LYS A 39 4.33 20.42 15.59
C LYS A 39 4.38 19.09 16.33
N PRO A 40 5.43 18.84 17.16
N PRO A 40 5.46 18.89 17.12
CA PRO A 40 5.67 17.55 17.85
CA PRO A 40 5.52 17.81 18.06
C PRO A 40 4.47 16.79 18.45
C PRO A 40 4.31 17.91 18.98
N ALA A 41 3.65 17.44 19.26
N ALA A 41 3.67 16.77 19.20
CA ALA A 41 2.56 16.75 19.95
CA ALA A 41 2.47 16.72 20.01
C ALA A 41 1.24 16.71 19.14
C ALA A 41 1.21 16.70 19.15
N ASP A 42 1.31 16.97 17.83
CA ASP A 42 0.16 16.75 16.93
C ASP A 42 -0.23 15.29 16.92
N ARG A 43 -1.50 15.03 16.58
CA ARG A 43 -2.00 13.67 16.39
CA ARG A 43 -2.02 13.67 16.41
C ARG A 43 -2.76 13.63 15.06
N ARG A 44 -1.99 13.62 13.98
CA ARG A 44 -2.50 13.66 12.63
C ARG A 44 -2.72 12.26 12.10
N SER A 45 -3.53 12.13 11.06
CA SER A 45 -3.58 10.87 10.34
C SER A 45 -2.32 10.78 9.48
N ALA A 46 -1.95 9.55 9.16
CA ALA A 46 -0.75 9.29 8.39
C ALA A 46 -1.08 8.41 7.22
N ILE A 47 -0.27 8.50 6.17
CA ILE A 47 -0.42 7.61 5.05
C ILE A 47 0.96 7.15 4.63
N VAL A 48 1.05 5.86 4.34
CA VAL A 48 2.32 5.24 3.94
C VAL A 48 2.10 4.61 2.58
N PHE A 49 2.85 5.07 1.58
CA PHE A 49 2.75 4.58 0.21
C PHE A 49 3.83 3.56 -0.15
N PHE A 50 3.39 2.48 -0.77
CA PHE A 50 4.24 1.44 -1.33
C PHE A 50 4.22 1.44 -2.86
N PHE A 51 5.38 1.68 -3.45
CA PHE A 51 5.56 1.73 -4.89
C PHE A 51 5.22 0.40 -5.54
N GLY A 52 4.87 0.45 -6.82
CA GLY A 52 4.66 -0.77 -7.61
C GLY A 52 5.90 -1.12 -8.42
N GLY A 53 5.81 -2.22 -9.14
CA GLY A 53 6.95 -2.78 -9.89
C GLY A 53 7.12 -4.29 -9.80
N GLY A 54 6.03 -5.01 -9.56
CA GLY A 54 6.03 -6.47 -9.64
C GLY A 54 6.82 -7.18 -8.57
N TRP A 55 7.06 -6.50 -7.44
CA TRP A 55 7.90 -7.00 -6.36
C TRP A 55 9.36 -7.20 -6.81
N GLN A 56 9.69 -6.60 -7.94
CA GLN A 56 10.99 -6.77 -8.61
C GLN A 56 11.81 -5.50 -8.71
N SER A 57 11.14 -4.39 -8.96
CA SER A 57 11.76 -3.07 -9.06
C SER A 57 10.80 -1.97 -8.59
N GLY A 58 11.15 -0.72 -8.82
CA GLY A 58 10.30 0.41 -8.56
C GLY A 58 11.04 1.40 -7.67
N SER A 59 10.36 2.48 -7.32
CA SER A 59 10.96 3.56 -6.53
C SER A 59 9.93 4.33 -5.72
N PRO A 60 10.29 4.71 -4.48
CA PRO A 60 9.44 5.58 -3.69
C PRO A 60 9.05 6.88 -4.38
N ALA A 61 9.87 7.35 -5.33
CA ALA A 61 9.53 8.54 -6.13
C ALA A 61 8.19 8.48 -6.83
N GLN A 62 7.71 7.27 -7.14
CA GLN A 62 6.42 7.10 -7.76
C GLN A 62 5.30 7.85 -7.01
N PHE A 63 5.36 7.84 -5.69
CA PHE A 63 4.31 8.39 -4.85
C PHE A 63 4.65 9.71 -4.20
N ARG A 64 5.78 10.31 -4.59
CA ARG A 64 6.14 11.68 -4.15
CA ARG A 64 6.13 11.67 -4.13
C ARG A 64 5.00 12.70 -4.31
N PRO A 65 4.40 12.80 -5.53
CA PRO A 65 3.31 13.77 -5.72
C PRO A 65 2.13 13.57 -4.76
N GLN A 66 1.72 12.32 -4.60
CA GLN A 66 0.69 11.98 -3.62
C GLN A 66 1.08 12.38 -2.23
N CYS A 67 2.35 12.18 -1.82
CA CYS A 67 2.73 12.52 -0.47
C CYS A 67 2.58 14.04 -0.25
N GLU A 68 3.09 14.81 -1.21
CA GLU A 68 3.01 16.26 -1.12
C GLU A 68 1.55 16.71 -1.06
N TYR A 69 0.66 16.12 -1.86
CA TYR A 69 -0.75 16.42 -1.76
C TYR A 69 -1.27 16.20 -0.35
N PHE A 70 -1.04 15.01 0.21
CA PHE A 70 -1.64 14.66 1.49
C PHE A 70 -1.02 15.42 2.65
N ALA A 71 0.28 15.72 2.54
CA ALA A 71 0.92 16.63 3.47
C ALA A 71 0.27 18.01 3.46
N GLY A 72 -0.03 18.53 2.27
CA GLY A 72 -0.74 19.79 2.13
C GLY A 72 -2.14 19.79 2.72
N ARG A 73 -2.75 18.61 2.85
CA ARG A 73 -4.03 18.45 3.51
C ARG A 73 -3.93 18.16 5.02
N GLY A 74 -2.74 18.21 5.59
CA GLY A 74 -2.58 18.03 7.05
C GLY A 74 -2.13 16.65 7.54
N MET A 75 -1.83 15.72 6.65
CA MET A 75 -1.40 14.38 7.04
C MET A 75 0.09 14.36 7.11
N VAL A 76 0.60 13.44 7.93
CA VAL A 76 1.98 13.00 7.81
C VAL A 76 2.05 11.91 6.73
N ALA A 77 2.67 12.23 5.61
CA ALA A 77 2.56 11.39 4.39
C ALA A 77 3.93 10.90 4.01
N MET A 78 4.03 9.61 3.77
CA MET A 78 5.33 9.05 3.50
CA MET A 78 5.31 8.91 3.66
C MET A 78 5.35 7.93 2.47
N ALA A 79 6.50 7.77 1.84
CA ALA A 79 6.73 6.78 0.83
C ALA A 79 7.83 5.84 1.40
N ALA A 80 7.53 4.53 1.46
CA ALA A 80 8.43 3.55 2.04
C ALA A 80 9.19 2.79 0.98
N ASP A 81 10.49 2.63 1.19
CA ASP A 81 11.25 1.67 0.41
C ASP A 81 10.97 0.26 0.99
N TYR A 82 11.14 -0.76 0.18
CA TYR A 82 10.97 -2.14 0.63
C TYR A 82 11.81 -3.01 -0.28
N ARG A 83 12.21 -4.19 0.19
CA ARG A 83 13.13 -4.99 -0.62
C ARG A 83 12.39 -5.56 -1.84
N VAL A 84 13.09 -5.60 -2.97
CA VAL A 84 12.57 -6.18 -4.18
C VAL A 84 13.51 -7.19 -4.80
N GLY A 85 12.98 -7.97 -5.75
CA GLY A 85 13.72 -9.05 -6.37
C GLY A 85 15.03 -8.63 -7.03
N SER A 86 14.99 -7.60 -7.88
CA SER A 86 16.19 -7.17 -8.64
C SER A 86 17.34 -6.63 -7.79
N ARG A 87 17.04 -6.02 -6.65
CA ARG A 87 18.06 -5.44 -5.80
C ARG A 87 18.51 -6.31 -4.65
N HIS A 88 17.61 -7.13 -4.14
CA HIS A 88 17.77 -7.80 -2.85
C HIS A 88 17.55 -9.32 -2.90
N ASN A 89 17.16 -9.84 -4.06
CA ASN A 89 16.98 -11.28 -4.25
CA ASN A 89 16.95 -11.28 -4.27
C ASN A 89 15.96 -11.86 -3.26
N VAL A 90 14.92 -11.07 -2.97
CA VAL A 90 13.85 -11.47 -2.08
C VAL A 90 12.66 -11.96 -2.88
N LYS A 91 11.72 -12.52 -2.15
CA LYS A 91 10.44 -12.96 -2.69
CA LYS A 91 10.44 -13.00 -2.66
C LYS A 91 9.32 -12.16 -2.06
N VAL A 92 8.10 -12.34 -2.57
CA VAL A 92 6.97 -11.51 -2.20
C VAL A 92 6.75 -11.48 -0.68
N ALA A 93 6.89 -12.63 0.00
CA ALA A 93 6.67 -12.70 1.42
C ALA A 93 7.61 -11.76 2.17
N ASP A 94 8.83 -11.59 1.67
CA ASP A 94 9.77 -10.61 2.27
C ASP A 94 9.24 -9.17 2.13
N CYS A 95 8.75 -8.84 0.94
CA CYS A 95 8.17 -7.52 0.69
C CYS A 95 7.03 -7.26 1.68
N VAL A 96 6.16 -8.25 1.87
CA VAL A 96 5.06 -8.16 2.80
C VAL A 96 5.59 -7.89 4.21
N ALA A 97 6.63 -8.63 4.65
CA ALA A 97 7.25 -8.36 5.96
C ALA A 97 7.76 -6.92 6.09
N ASP A 98 8.34 -6.40 5.03
CA ASP A 98 8.87 -5.04 5.05
C ASP A 98 7.72 -4.02 5.18
N ALA A 99 6.63 -4.20 4.43
CA ALA A 99 5.47 -3.33 4.53
C ALA A 99 4.87 -3.30 5.93
N LYS A 100 4.71 -4.47 6.51
CA LYS A 100 4.24 -4.62 7.88
C LYS A 100 5.19 -3.95 8.88
N SER A 101 6.48 -4.14 8.69
CA SER A 101 7.48 -3.42 9.47
C SER A 101 7.33 -1.89 9.42
N ALA A 102 6.99 -1.35 8.25
CA ALA A 102 6.81 0.07 8.06
C ALA A 102 5.64 0.59 8.88
N ILE A 103 4.49 -0.07 8.76
CA ILE A 103 3.30 0.30 9.55
C ILE A 103 3.59 0.17 11.05
N ARG A 104 4.16 -0.97 11.47
CA ARG A 104 4.54 -1.16 12.87
CA ARG A 104 4.58 -1.18 12.86
C ARG A 104 5.48 -0.04 13.37
N TRP A 105 6.47 0.35 12.56
CA TRP A 105 7.38 1.43 12.88
C TRP A 105 6.67 2.77 13.04
N VAL A 106 5.77 3.09 12.09
CA VAL A 106 5.03 4.33 12.19
C VAL A 106 4.19 4.36 13.48
N ARG A 107 3.52 3.25 13.80
CA ARG A 107 2.72 3.19 15.01
C ARG A 107 3.60 3.33 16.27
N GLN A 108 4.74 2.64 16.25
CA GLN A 108 5.71 2.67 17.36
C GLN A 108 6.25 4.06 17.60
N HIS A 109 6.53 4.76 16.50
CA HIS A 109 7.04 6.12 16.52
C HIS A 109 6.02 7.22 16.28
N ALA A 110 4.74 6.94 16.56
CA ALA A 110 3.65 7.85 16.22
C ALA A 110 3.80 9.17 16.95
N ALA A 111 4.17 9.09 18.22
CA ALA A 111 4.30 10.29 19.06
C ALA A 111 5.27 11.30 18.47
N GLU A 112 6.48 10.86 18.17
CA GLU A 112 7.47 11.76 17.64
C GLU A 112 7.17 12.21 16.19
N LEU A 113 6.44 11.38 15.46
CA LEU A 113 5.93 11.76 14.13
C LEU A 113 4.75 12.74 14.16
N GLY A 114 4.16 12.98 15.32
CA GLY A 114 2.96 13.79 15.40
C GLY A 114 1.74 13.11 14.80
N VAL A 115 1.64 11.79 15.00
CA VAL A 115 0.64 10.95 14.37
C VAL A 115 -0.32 10.28 15.37
N ASP A 116 -1.59 10.19 15.03
CA ASP A 116 -2.53 9.36 15.74
C ASP A 116 -2.25 7.91 15.30
N PRO A 117 -1.82 7.04 16.24
CA PRO A 117 -1.47 5.65 15.87
C PRO A 117 -2.65 4.78 15.42
N GLN A 118 -3.89 5.28 15.52
CA GLN A 118 -5.04 4.55 15.03
C GLN A 118 -5.63 5.19 13.78
N LYS A 119 -4.89 6.13 13.17
CA LYS A 119 -5.26 6.76 11.90
C LYS A 119 -4.14 6.63 10.83
N ILE A 120 -3.61 5.42 10.73
CA ILE A 120 -2.52 5.10 9.80
C ILE A 120 -3.07 4.38 8.57
N VAL A 121 -2.94 5.02 7.41
CA VAL A 121 -3.44 4.50 6.17
C VAL A 121 -2.28 3.83 5.39
N ALA A 122 -2.50 2.64 4.87
CA ALA A 122 -1.57 2.00 3.92
C ALA A 122 -2.11 2.23 2.51
N SER A 123 -1.21 2.46 1.57
CA SER A 123 -1.57 2.74 0.20
C SER A 123 -0.45 2.27 -0.71
N GLY A 124 -0.80 1.98 -1.95
CA GLY A 124 0.17 1.61 -2.93
C GLY A 124 -0.43 1.28 -4.29
N GLY A 125 0.46 1.13 -5.27
CA GLY A 125 0.06 0.79 -6.61
C GLY A 125 0.51 -0.59 -7.01
N SER A 126 -0.41 -1.33 -7.63
CA SER A 126 -0.14 -2.68 -8.12
C SER A 126 0.50 -3.58 -7.06
N ALA A 127 1.74 -4.05 -7.25
CA ALA A 127 2.38 -4.83 -6.20
C ALA A 127 2.45 -4.09 -4.86
N GLY A 128 2.60 -2.77 -4.88
CA GLY A 128 2.58 -1.97 -3.64
C GLY A 128 1.21 -1.88 -3.02
N GLY A 129 0.19 -1.96 -3.87
CA GLY A 129 -1.23 -2.02 -3.47
C GLY A 129 -1.52 -3.35 -2.82
N HIS A 130 -0.98 -4.44 -3.37
CA HIS A 130 -1.00 -5.77 -2.72
C HIS A 130 -0.41 -5.70 -1.32
N LEU A 131 0.77 -5.08 -1.20
CA LEU A 131 1.41 -4.93 0.11
C LEU A 131 0.55 -4.14 1.10
N ALA A 132 0.00 -3.02 0.64
CA ALA A 132 -0.92 -2.25 1.46
C ALA A 132 -2.09 -3.11 1.92
N ALA A 133 -2.69 -3.84 0.99
CA ALA A 133 -3.79 -4.74 1.34
C ALA A 133 -3.36 -5.79 2.38
N CYS A 134 -2.15 -6.31 2.26
CA CYS A 134 -1.62 -7.28 3.24
C CYS A 134 -1.45 -6.68 4.65
N THR A 135 -1.08 -5.41 4.74
CA THR A 135 -0.97 -4.74 6.05
C THR A 135 -2.35 -4.56 6.75
N VAL A 136 -3.43 -4.54 5.98
CA VAL A 136 -4.78 -4.38 6.53
CA VAL A 136 -4.76 -4.37 6.60
C VAL A 136 -5.42 -5.72 6.91
N MET A 137 -5.14 -6.76 6.15
CA MET A 137 -5.95 -7.99 6.26
C MET A 137 -5.27 -9.37 6.27
N VAL A 138 -3.96 -9.44 6.07
CA VAL A 138 -3.27 -10.71 6.00
C VAL A 138 -2.50 -10.84 7.32
N PRO A 139 -2.58 -12.01 7.98
CA PRO A 139 -1.80 -12.15 9.19
C PRO A 139 -0.28 -12.05 8.92
N ASP A 140 0.43 -11.48 9.89
CA ASP A 140 1.90 -11.47 9.93
C ASP A 140 2.42 -12.90 9.75
N LEU A 141 3.37 -13.09 8.85
CA LEU A 141 3.95 -14.40 8.57
C LEU A 141 5.28 -14.59 9.29
N GLU A 142 5.88 -13.51 9.76
CA GLU A 142 7.12 -13.60 10.49
C GLU A 142 7.22 -12.54 11.58
N ALA A 143 8.08 -12.79 12.55
CA ALA A 143 8.32 -11.88 13.67
C ALA A 143 9.75 -11.39 13.54
N PRO A 144 9.98 -10.33 12.73
CA PRO A 144 11.33 -9.77 12.69
C PRO A 144 11.72 -9.07 14.01
N GLU A 145 12.99 -8.67 14.12
CA GLU A 145 13.45 -7.89 15.28
C GLU A 145 12.81 -6.49 15.29
N GLU A 146 11.62 -6.43 15.88
CA GLU A 146 10.82 -5.21 16.01
C GLU A 146 9.85 -5.34 17.19
N ASP A 147 9.09 -4.28 17.47
CA ASP A 147 8.21 -4.31 18.64
C ASP A 147 6.94 -5.16 18.43
N HIS A 148 6.97 -6.40 18.89
CA HIS A 148 5.85 -7.35 18.65
C HIS A 148 4.57 -7.03 19.46
N THR A 149 4.68 -6.14 20.45
CA THR A 149 3.51 -5.64 21.16
C THR A 149 2.78 -4.54 20.37
N ILE A 150 3.40 -4.01 19.32
CA ILE A 150 2.75 -3.04 18.44
C ILE A 150 2.21 -3.75 17.19
N SER A 151 0.96 -3.46 16.88
CA SER A 151 0.30 -4.07 15.73
C SER A 151 0.88 -3.51 14.42
N SER A 152 0.93 -4.35 13.42
CA SER A 152 1.33 -3.98 12.05
C SER A 152 0.13 -3.58 11.18
N GLN A 153 -1.08 -3.65 11.74
CA GLN A 153 -2.26 -3.55 10.94
C GLN A 153 -2.54 -2.07 10.69
N ALA A 154 -2.68 -1.72 9.42
CA ALA A 154 -3.11 -0.38 9.09
C ALA A 154 -4.61 -0.17 9.42
N ASN A 155 -4.96 1.07 9.66
CA ASN A 155 -6.33 1.42 10.01
C ASN A 155 -7.25 1.69 8.83
N ALA A 156 -6.68 1.86 7.63
CA ALA A 156 -7.46 2.01 6.39
C ALA A 156 -6.49 1.75 5.26
N ALA A 157 -7.04 1.54 4.07
CA ALA A 157 -6.24 1.36 2.88
C ALA A 157 -6.78 2.14 1.67
N ILE A 158 -5.86 2.60 0.82
CA ILE A 158 -6.22 3.28 -0.44
C ILE A 158 -5.36 2.59 -1.50
N LEU A 159 -5.97 1.81 -2.37
CA LEU A 159 -5.28 0.99 -3.33
C LEU A 159 -5.49 1.45 -4.76
N PHE A 160 -4.37 1.50 -5.49
CA PHE A 160 -4.33 1.87 -6.90
C PHE A 160 -4.02 0.60 -7.70
N ASN A 161 -4.96 0.14 -8.52
CA ASN A 161 -4.92 -1.17 -9.22
C ASN A 161 -4.06 -2.23 -8.53
N PRO A 162 -4.49 -2.67 -7.33
CA PRO A 162 -3.73 -3.61 -6.52
C PRO A 162 -3.85 -5.02 -7.09
N VAL A 163 -2.86 -5.88 -6.79
CA VAL A 163 -3.05 -7.34 -6.94
C VAL A 163 -3.63 -7.84 -5.65
N LEU A 164 -4.79 -8.50 -5.73
CA LEU A 164 -5.50 -9.01 -4.56
C LEU A 164 -5.79 -10.51 -4.54
N ILE A 165 -5.66 -11.22 -5.65
CA ILE A 165 -5.84 -12.68 -5.65
C ILE A 165 -4.53 -13.31 -6.12
N LEU A 166 -3.87 -14.04 -5.22
CA LEU A 166 -2.57 -14.67 -5.51
C LEU A 166 -2.61 -16.22 -5.45
N SER A 167 -3.76 -16.79 -5.15
CA SER A 167 -3.95 -18.24 -5.18
C SER A 167 -5.17 -18.56 -5.99
N ARG A 168 -5.24 -19.79 -6.49
CA ARG A 168 -6.39 -20.22 -7.28
C ARG A 168 -7.42 -21.01 -6.46
N GLU A 169 -7.14 -21.29 -5.19
CA GLU A 169 -8.08 -22.00 -4.33
C GLU A 169 -9.41 -21.29 -4.20
N GLY A 170 -10.50 -22.03 -4.32
CA GLY A 170 -11.83 -21.47 -4.20
C GLY A 170 -12.35 -20.67 -5.39
N LEU A 171 -11.65 -20.72 -6.52
CA LEU A 171 -12.10 -19.98 -7.72
C LEU A 171 -12.84 -20.86 -8.74
N ARG A 177 -5.09 -27.27 -9.25
CA ARG A 177 -4.01 -27.54 -10.18
CA ARG A 177 -4.01 -27.67 -10.15
C ARG A 177 -2.67 -27.56 -9.41
N GLN A 178 -2.54 -28.46 -8.44
CA GLN A 178 -1.37 -28.61 -7.56
C GLN A 178 -0.04 -28.01 -8.03
N ASP A 179 0.35 -28.28 -9.28
CA ASP A 179 1.65 -27.81 -9.78
C ASP A 179 1.78 -26.29 -9.79
N TRP A 180 0.70 -25.60 -10.15
CA TRP A 180 0.68 -24.14 -10.15
C TRP A 180 0.81 -23.54 -8.75
N GLU A 181 0.28 -24.21 -7.74
CA GLU A 181 0.38 -23.73 -6.36
C GLU A 181 1.77 -24.04 -5.78
N GLU A 182 2.41 -25.11 -6.24
CA GLU A 182 3.81 -25.41 -5.89
CA GLU A 182 3.80 -25.39 -5.86
C GLU A 182 4.75 -24.42 -6.58
N ARG A 183 4.41 -24.05 -7.82
CA ARG A 183 5.17 -23.05 -8.56
CA ARG A 183 5.13 -23.03 -8.60
C ARG A 183 5.06 -21.68 -7.89
N LEU A 184 3.83 -21.29 -7.55
CA LEU A 184 3.58 -20.04 -6.84
C LEU A 184 4.26 -20.02 -5.45
N ARG A 185 4.21 -21.13 -4.74
CA ARG A 185 4.89 -21.22 -3.44
C ARG A 185 6.39 -20.85 -3.53
N GLU A 186 7.07 -21.28 -4.59
CA GLU A 186 8.50 -21.01 -4.75
CA GLU A 186 8.50 -21.02 -4.76
C GLU A 186 8.77 -19.57 -5.19
N ARG A 187 7.86 -19.01 -6.00
CA ARG A 187 7.94 -17.59 -6.39
CA ARG A 187 7.94 -17.60 -6.39
C ARG A 187 7.69 -16.68 -5.19
N LEU A 188 6.65 -16.98 -4.41
CA LEU A 188 6.19 -16.13 -3.29
C LEU A 188 6.95 -16.30 -1.95
N GLY A 189 7.66 -17.42 -1.75
CA GLY A 189 8.30 -17.68 -0.45
C GLY A 189 7.42 -18.17 0.67
N THR A 190 6.20 -18.60 0.34
CA THR A 190 5.25 -19.10 1.30
C THR A 190 4.07 -19.77 0.56
N GLU A 191 3.14 -20.31 1.32
CA GLU A 191 1.91 -20.85 0.73
CA GLU A 191 1.88 -20.82 0.80
C GLU A 191 1.17 -19.66 0.09
N PRO A 192 0.77 -19.81 -1.18
CA PRO A 192 0.13 -18.63 -1.87
C PRO A 192 -1.03 -17.97 -1.13
N LYS A 193 -1.88 -18.76 -0.47
CA LYS A 193 -3.00 -18.18 0.29
CA LYS A 193 -2.99 -18.22 0.33
C LYS A 193 -2.54 -17.25 1.41
N ALA A 194 -1.32 -17.45 1.93
CA ALA A 194 -0.86 -16.66 3.04
C ALA A 194 -0.51 -15.22 2.65
N VAL A 195 -0.30 -14.95 1.36
CA VAL A 195 -0.09 -13.58 0.84
C VAL A 195 -1.16 -13.23 -0.21
N SER A 196 -2.36 -13.82 -0.07
CA SER A 196 -3.48 -13.55 -0.97
C SER A 196 -4.60 -12.81 -0.21
N PRO A 197 -4.70 -11.48 -0.39
CA PRO A 197 -5.78 -10.75 0.33
C PRO A 197 -7.18 -11.32 0.17
N TYR A 198 -7.50 -11.73 -1.04
CA TYR A 198 -8.81 -12.36 -1.31
C TYR A 198 -9.17 -13.50 -0.36
N HIS A 199 -8.17 -14.32 -0.02
CA HIS A 199 -8.33 -15.47 0.86
C HIS A 199 -8.41 -15.19 2.34
N HIS A 200 -8.35 -13.91 2.71
CA HIS A 200 -8.48 -13.50 4.09
C HIS A 200 -9.62 -12.52 4.32
N ILE A 201 -10.57 -12.52 3.39
CA ILE A 201 -11.76 -11.71 3.55
C ILE A 201 -12.57 -12.24 4.73
N ARG A 202 -12.85 -11.36 5.68
CA ARG A 202 -13.69 -11.68 6.84
C ARG A 202 -14.31 -10.40 7.37
N ALA A 203 -15.25 -10.55 8.30
CA ALA A 203 -15.92 -9.40 8.90
C ALA A 203 -14.98 -8.63 9.80
N GLY A 204 -15.29 -7.35 10.02
CA GLY A 204 -14.54 -6.54 10.95
C GLY A 204 -13.18 -6.03 10.48
N LEU A 205 -13.01 -5.86 9.18
CA LEU A 205 -11.73 -5.35 8.64
C LEU A 205 -11.79 -3.82 8.46
N PRO A 206 -10.61 -3.16 8.47
CA PRO A 206 -10.54 -1.72 8.20
C PRO A 206 -11.10 -1.34 6.83
N PRO A 207 -11.59 -0.09 6.72
CA PRO A 207 -12.21 0.39 5.49
C PRO A 207 -11.16 0.63 4.41
N MET A 208 -11.58 0.57 3.15
CA MET A 208 -10.70 0.83 2.03
C MET A 208 -11.44 1.35 0.82
N ILE A 209 -10.67 2.04 -0.04
CA ILE A 209 -11.10 2.44 -1.37
C ILE A 209 -10.11 1.88 -2.39
N ILE A 210 -10.64 1.45 -3.54
CA ILE A 210 -9.87 0.87 -4.59
C ILE A 210 -10.15 1.56 -5.90
N PHE A 211 -9.10 1.95 -6.62
CA PHE A 211 -9.23 2.53 -7.96
C PHE A 211 -8.66 1.54 -8.97
N HIS A 212 -9.47 1.13 -9.95
CA HIS A 212 -9.04 0.12 -10.94
C HIS A 212 -9.59 0.40 -12.33
N GLY A 213 -8.73 0.28 -13.34
CA GLY A 213 -9.13 0.45 -14.73
C GLY A 213 -9.88 -0.77 -15.21
N THR A 214 -10.96 -0.56 -15.99
CA THR A 214 -11.69 -1.72 -16.54
C THR A 214 -10.97 -2.43 -17.69
N ALA A 215 -10.01 -1.78 -18.35
CA ALA A 215 -9.25 -2.40 -19.44
C ALA A 215 -7.83 -2.74 -18.97
N ASP A 216 -7.71 -3.17 -17.71
CA ASP A 216 -6.40 -3.50 -17.12
C ASP A 216 -6.05 -4.92 -17.62
N ASN A 217 -4.99 -5.03 -18.40
CA ASN A 217 -4.51 -6.34 -18.90
C ASN A 217 -3.43 -7.00 -18.04
N THR A 218 -3.05 -6.34 -16.95
CA THR A 218 -2.07 -6.89 -15.99
C THR A 218 -2.82 -7.49 -14.80
N VAL A 219 -3.68 -6.72 -14.18
CA VAL A 219 -4.50 -7.24 -13.10
C VAL A 219 -5.93 -7.13 -13.55
N PRO A 220 -6.56 -8.26 -13.88
CA PRO A 220 -7.92 -8.14 -14.45
C PRO A 220 -8.94 -7.54 -13.48
N PHE A 221 -9.75 -6.62 -14.00
CA PHE A 221 -10.74 -5.91 -13.20
C PHE A 221 -11.66 -6.86 -12.48
N GLU A 222 -12.03 -7.93 -13.17
CA GLU A 222 -12.88 -8.92 -12.58
C GLU A 222 -12.39 -9.46 -11.22
N THR A 223 -11.08 -9.63 -11.02
CA THR A 223 -10.54 -10.08 -9.72
C THR A 223 -10.85 -9.08 -8.60
N ILE A 224 -10.77 -7.81 -8.96
CA ILE A 224 -11.07 -6.71 -8.04
C ILE A 224 -12.57 -6.59 -7.77
N ARG A 225 -13.41 -6.77 -8.80
CA ARG A 225 -14.86 -6.77 -8.57
C ARG A 225 -15.28 -7.89 -7.60
N LEU A 226 -14.78 -9.09 -7.83
CA LEU A 226 -15.02 -10.23 -6.92
CA LEU A 226 -14.99 -10.24 -6.93
C LEU A 226 -14.54 -9.94 -5.51
N PHE A 227 -13.33 -9.37 -5.38
CA PHE A 227 -12.84 -9.02 -4.05
C PHE A 227 -13.80 -8.06 -3.37
N ALA A 228 -14.18 -6.99 -4.08
CA ALA A 228 -15.00 -5.95 -3.47
C ALA A 228 -16.39 -6.48 -3.11
N GLU A 229 -16.95 -7.31 -4.00
CA GLU A 229 -18.27 -7.91 -3.73
CA GLU A 229 -18.26 -7.97 -3.77
C GLU A 229 -18.23 -8.78 -2.48
N ALA A 230 -17.20 -9.64 -2.36
CA ALA A 230 -17.04 -10.48 -1.16
C ALA A 230 -16.78 -9.66 0.09
N MET A 231 -15.96 -8.62 -0.02
CA MET A 231 -15.80 -7.69 1.10
C MET A 231 -17.11 -7.02 1.60
N LYS A 232 -17.94 -6.56 0.67
CA LYS A 232 -19.22 -5.96 1.04
C LYS A 232 -20.14 -7.02 1.69
N LYS A 233 -20.15 -8.26 1.16
CA LYS A 233 -20.92 -9.36 1.75
C LYS A 233 -20.49 -9.63 3.19
N ALA A 234 -19.20 -9.41 3.49
CA ALA A 234 -18.69 -9.56 4.86
C ALA A 234 -18.93 -8.35 5.76
N GLY A 235 -19.60 -7.31 5.25
CA GLY A 235 -19.93 -6.13 6.03
C GLY A 235 -18.84 -5.06 6.08
N ASN A 236 -17.79 -5.22 5.28
CA ASN A 236 -16.73 -4.21 5.25
C ASN A 236 -17.03 -3.05 4.28
N ARG A 237 -16.51 -1.87 4.60
CA ARG A 237 -16.53 -0.73 3.69
CA ARG A 237 -16.55 -0.74 3.66
C ARG A 237 -15.38 -0.91 2.69
N CYS A 238 -15.72 -1.25 1.45
CA CYS A 238 -14.76 -1.47 0.39
C CYS A 238 -15.29 -0.81 -0.88
N GLU A 239 -14.91 0.46 -1.07
CA GLU A 239 -15.39 1.27 -2.17
C GLU A 239 -14.57 1.01 -3.41
N LEU A 240 -15.22 0.60 -4.49
CA LEU A 240 -14.49 0.29 -5.72
C LEU A 240 -14.86 1.33 -6.75
N VAL A 241 -13.87 2.02 -7.28
CA VAL A 241 -14.06 3.05 -8.29
C VAL A 241 -13.45 2.55 -9.59
N PRO A 242 -14.30 2.06 -10.52
CA PRO A 242 -13.80 1.69 -11.84
C PRO A 242 -13.47 2.92 -12.67
N PHE A 243 -12.39 2.83 -13.44
CA PHE A 243 -12.06 3.84 -14.45
C PHE A 243 -12.26 3.19 -15.80
N GLU A 244 -13.42 3.47 -16.40
CA GLU A 244 -13.86 2.81 -17.63
CA GLU A 244 -13.87 2.84 -17.63
C GLU A 244 -12.84 2.96 -18.75
N GLY A 245 -12.47 1.84 -19.37
CA GLY A 245 -11.49 1.83 -20.47
C GLY A 245 -10.04 2.10 -20.09
N ALA A 246 -9.75 2.28 -18.81
CA ALA A 246 -8.39 2.60 -18.38
C ALA A 246 -7.52 1.35 -18.19
N ALA A 247 -6.25 1.57 -18.37
CA ALA A 247 -5.24 0.52 -18.34
C ALA A 247 -4.46 0.58 -17.01
N HIS A 248 -3.69 -0.47 -16.74
CA HIS A 248 -2.78 -0.52 -15.61
C HIS A 248 -1.92 0.72 -15.55
N GLY A 249 -1.78 1.32 -14.36
CA GLY A 249 -0.95 2.50 -14.15
C GLY A 249 -1.58 3.86 -14.45
N PHE A 250 -2.86 3.84 -14.81
CA PHE A 250 -3.63 5.01 -15.26
C PHE A 250 -3.63 6.16 -14.28
N PHE A 251 -3.49 5.83 -12.99
CA PHE A 251 -3.62 6.78 -11.87
C PHE A 251 -2.36 7.65 -11.66
N ASN A 252 -1.25 7.26 -12.28
CA ASN A 252 0.04 7.90 -11.97
C ASN A 252 0.15 9.38 -12.36
N PHE A 253 0.89 10.14 -11.54
CA PHE A 253 1.27 11.49 -11.87
C PHE A 253 1.99 11.48 -13.24
N GLY A 254 1.71 12.47 -14.08
CA GLY A 254 2.31 12.54 -15.43
C GLY A 254 1.67 11.66 -16.53
N ARG A 255 0.55 11.01 -16.21
CA ARG A 255 -0.15 10.09 -17.11
C ARG A 255 -1.45 10.79 -17.59
N GLY A 256 -1.75 10.70 -18.90
CA GLY A 256 -3.01 11.22 -19.49
C GLY A 256 -3.46 12.60 -19.06
N ASP A 257 -2.57 13.59 -19.20
CA ASP A 257 -2.83 14.99 -18.79
C ASP A 257 -3.09 15.15 -17.27
N ASN A 258 -2.65 14.18 -16.46
CA ASN A 258 -2.93 14.11 -15.03
C ASN A 258 -4.40 14.02 -14.59
N LEU A 259 -5.34 13.77 -15.51
CA LEU A 259 -6.76 13.81 -15.17
C LEU A 259 -7.10 12.76 -14.13
N ALA A 260 -6.67 11.53 -14.40
CA ALA A 260 -6.96 10.44 -13.51
C ALA A 260 -6.15 10.56 -12.21
N TYR A 261 -4.96 11.13 -12.28
CA TYR A 261 -4.25 11.50 -11.07
C TYR A 261 -5.03 12.41 -10.16
N GLN A 262 -5.57 13.51 -10.70
CA GLN A 262 -6.36 14.44 -9.89
CA GLN A 262 -6.40 14.45 -9.93
C GLN A 262 -7.65 13.76 -9.38
N LYS A 263 -8.30 12.99 -10.24
CA LYS A 263 -9.55 12.36 -9.86
C LYS A 263 -9.37 11.35 -8.72
N THR A 264 -8.33 10.51 -8.81
CA THR A 264 -8.08 9.53 -7.74
C THR A 264 -7.80 10.25 -6.44
N LEU A 265 -7.08 11.36 -6.48
CA LEU A 265 -6.75 12.08 -5.25
C LEU A 265 -7.99 12.71 -4.61
N GLU A 266 -8.85 13.28 -5.46
CA GLU A 266 -10.11 13.87 -5.00
CA GLU A 266 -10.10 13.88 -5.00
C GLU A 266 -10.97 12.84 -4.28
N LEU A 267 -11.09 11.67 -4.89
CA LEU A 267 -11.95 10.61 -4.35
C LEU A 267 -11.28 9.98 -3.13
N ALA A 268 -9.97 9.80 -3.18
CA ALA A 268 -9.23 9.33 -2.00
C ALA A 268 -9.38 10.28 -0.79
N ASP A 269 -9.28 11.58 -1.05
CA ASP A 269 -9.48 12.62 -0.05
C ASP A 269 -10.89 12.51 0.54
N GLU A 270 -11.92 12.45 -0.30
CA GLU A 270 -13.28 12.32 0.23
CA GLU A 270 -13.30 12.28 0.17
C GLU A 270 -13.46 11.05 1.05
N PHE A 271 -12.86 9.94 0.63
CA PHE A 271 -12.93 8.69 1.45
C PHE A 271 -12.36 8.89 2.86
N LEU A 272 -11.20 9.54 2.94
CA LEU A 272 -10.55 9.84 4.20
C LEU A 272 -11.40 10.79 5.07
N VAL A 273 -12.14 11.69 4.42
CA VAL A 273 -13.10 12.53 5.15
C VAL A 273 -14.24 11.68 5.67
N GLU A 274 -14.75 10.81 4.81
CA GLU A 274 -15.84 9.93 5.15
C GLU A 274 -15.53 9.06 6.36
N ILE A 275 -14.30 8.56 6.47
CA ILE A 275 -13.95 7.70 7.63
C ILE A 275 -13.38 8.48 8.83
N GLY A 276 -13.36 9.82 8.76
CA GLY A 276 -12.90 10.64 9.86
C GLY A 276 -11.39 10.77 10.00
N PHE A 277 -10.65 10.53 8.93
CA PHE A 277 -9.18 10.66 8.96
C PHE A 277 -8.69 12.04 8.53
N LEU A 278 -9.50 12.76 7.76
CA LEU A 278 -9.22 14.13 7.38
C LEU A 278 -10.45 14.97 7.73
N ALA A 279 -10.21 16.24 8.02
CA ALA A 279 -11.30 17.21 8.16
C ALA A 279 -11.78 17.59 6.75
N PRO A 280 -13.08 17.94 6.61
CA PRO A 280 -13.58 18.43 5.32
C PRO A 280 -12.75 19.59 4.83
N LYS A 281 -12.57 19.70 3.52
CA LYS A 281 -11.84 20.85 2.95
C LYS A 281 -12.60 22.14 3.32
N GLY A 282 -11.86 23.15 3.76
CA GLY A 282 -12.44 24.40 4.29
C GLY A 282 -11.91 24.74 5.67
#